data_5VJS
#
_entry.id   5VJS
#
_cell.length_a   43.749
_cell.length_b   43.749
_cell.length_c   245.737
_cell.angle_alpha   90.000
_cell.angle_beta   90.000
_cell.angle_gamma   90.000
#
_symmetry.space_group_name_H-M   'P 41 21 2'
#
loop_
_entity.id
_entity.type
_entity.pdbx_description
1 polymer 'Reaction Center Maquette'
2 non-polymer 'PROTOPORPHYRIN IX CONTAINING FE'
3 non-polymer [4-(15-phenylporphyrin-5-yl-kappa~4~N~21~,N~22~,N~23~,N~24~)benzoato(2-)]zinc
4 non-polymer 'ZINC ION'
5 non-polymer 'CHLORIDE ION'
6 water water
#
_entity_poly.entity_id   1
_entity_poly.type   'polypeptide(L)'
_entity_poly.pdbx_seq_one_letter_code
;GSPELRQEHQQLAQEFQQLLQEIQQLGRELLKGELQGIKQLREASEKARNPEKKSVLQKILEDEEKHIELLETLQQTGQE
AQQLLQELQQTGQELWQLGGSGGPELRQKHQQLAQKIQQLLQKHQQLGAKILEDEEKHIELLETILGGSGGDELRELLKG
ELQGIKQYRELQQLGQKAQQLVQKLQQTGQKLWQLG
;
_entity_poly.pdbx_strand_id   A
#
# COMPACT_ATOMS: atom_id res chain seq x y z
N GLY A 1 -31.62 12.77 -7.28
CA GLY A 1 -32.20 11.40 -7.15
C GLY A 1 -31.14 10.38 -7.45
N SER A 2 -31.53 9.11 -7.47
CA SER A 2 -30.64 8.04 -7.90
C SER A 2 -29.73 8.43 -9.08
N PRO A 3 -30.28 9.10 -10.12
CA PRO A 3 -29.36 9.65 -11.14
C PRO A 3 -28.07 10.34 -10.62
N GLU A 4 -28.14 11.16 -9.57
CA GLU A 4 -26.91 11.76 -9.00
C GLU A 4 -26.06 10.75 -8.21
N LEU A 5 -26.75 9.84 -7.55
CA LEU A 5 -26.12 8.72 -6.90
C LEU A 5 -25.38 7.79 -7.82
N ARG A 6 -26.01 7.40 -8.92
CA ARG A 6 -25.42 6.51 -9.92
C ARG A 6 -24.18 7.20 -10.46
N GLN A 7 -24.27 8.52 -10.66
CA GLN A 7 -23.14 9.32 -11.16
C GLN A 7 -22.01 9.37 -10.15
N GLU A 8 -22.37 9.62 -8.91
CA GLU A 8 -21.41 9.65 -7.79
C GLU A 8 -20.71 8.28 -7.57
N HIS A 9 -21.48 7.18 -7.57
CA HIS A 9 -20.93 5.84 -7.44
C HIS A 9 -19.90 5.60 -8.55
N GLN A 10 -20.27 6.00 -9.75
CA GLN A 10 -19.46 5.81 -10.90
C GLN A 10 -18.19 6.64 -10.80
N GLN A 11 -18.31 7.87 -10.32
CA GLN A 11 -17.14 8.76 -10.22
C GLN A 11 -16.16 8.21 -9.17
N LEU A 12 -16.70 7.81 -8.03
CA LEU A 12 -15.87 7.21 -6.98
C LEU A 12 -15.12 5.97 -7.48
N ALA A 13 -15.80 5.09 -8.16
CA ALA A 13 -15.17 3.88 -8.71
C ALA A 13 -14.01 4.24 -9.66
N GLN A 14 -14.23 5.22 -10.51
CA GLN A 14 -13.16 5.76 -11.36
C GLN A 14 -11.97 6.33 -10.59
N GLU A 15 -12.23 7.19 -9.62
CA GLU A 15 -11.19 7.67 -8.75
C GLU A 15 -10.43 6.51 -8.12
N PHE A 16 -11.18 5.55 -7.60
CA PHE A 16 -10.58 4.40 -6.94
C PHE A 16 -9.57 3.68 -7.87
N GLN A 17 -10.00 3.48 -9.10
CA GLN A 17 -9.16 2.90 -10.15
C GLN A 17 -7.84 3.70 -10.39
N GLN A 18 -7.95 5.01 -10.56
CA GLN A 18 -6.79 5.88 -10.74
C GLN A 18 -5.83 5.76 -9.55
N LEU A 19 -6.41 5.72 -8.36
CA LEU A 19 -5.61 5.70 -7.14
C LEU A 19 -4.89 4.39 -6.98
N LEU A 20 -5.60 3.32 -7.24
CA LEU A 20 -5.02 2.00 -7.15
C LEU A 20 -3.80 1.80 -8.05
N GLN A 21 -3.93 2.32 -9.26
CA GLN A 21 -2.85 2.33 -10.25
CA GLN A 21 -2.82 2.25 -10.20
C GLN A 21 -1.67 3.12 -9.72
N GLU A 22 -1.95 4.35 -9.32
CA GLU A 22 -0.98 5.21 -8.65
C GLU A 22 -0.23 4.58 -7.49
N ILE A 23 -0.89 3.66 -6.77
CA ILE A 23 -0.32 3.03 -5.63
C ILE A 23 0.58 1.87 -6.01
N GLN A 24 0.12 1.07 -6.96
CA GLN A 24 0.94 0.02 -7.54
C GLN A 24 2.28 0.60 -8.06
N GLN A 25 2.20 1.72 -8.74
CA GLN A 25 3.35 2.36 -9.29
C GLN A 25 4.31 2.79 -8.14
N LEU A 26 3.78 3.48 -7.12
CA LEU A 26 4.62 3.90 -6.00
CA LEU A 26 4.61 3.91 -5.97
C LEU A 26 5.25 2.72 -5.28
N GLY A 27 4.51 1.62 -5.12
CA GLY A 27 5.08 0.44 -4.55
C GLY A 27 6.20 -0.25 -5.35
N ARG A 28 6.23 -0.09 -6.68
CA ARG A 28 7.34 -0.60 -7.50
C ARG A 28 8.58 0.29 -7.33
N GLU A 29 8.37 1.60 -7.27
CA GLU A 29 9.39 2.55 -6.88
C GLU A 29 10.00 2.25 -5.50
N LEU A 30 9.17 1.86 -4.53
CA LEU A 30 9.62 1.44 -3.21
C LEU A 30 10.42 0.20 -3.19
N LEU A 31 9.99 -0.74 -4.01
CA LEU A 31 10.75 -1.96 -4.15
C LEU A 31 12.15 -1.69 -4.73
N LYS A 32 12.24 -0.87 -5.77
CA LYS A 32 13.56 -0.45 -6.31
C LYS A 32 14.43 0.21 -5.25
N GLY A 33 13.86 1.15 -4.48
CA GLY A 33 14.57 1.79 -3.36
C GLY A 33 15.04 0.84 -2.31
N GLU A 34 14.19 -0.10 -1.92
CA GLU A 34 14.58 -1.13 -0.94
C GLU A 34 15.79 -1.93 -1.39
N LEU A 35 15.73 -2.36 -2.66
CA LEU A 35 16.80 -3.14 -3.28
C LEU A 35 18.05 -2.31 -3.40
N GLN A 36 17.93 -1.04 -3.77
CA GLN A 36 19.09 -0.17 -3.75
C GLN A 36 19.68 0.06 -2.35
N GLY A 37 18.81 0.25 -1.37
CA GLY A 37 19.26 0.43 0.01
C GLY A 37 19.97 -0.80 0.53
N ILE A 38 19.44 -1.96 0.24
CA ILE A 38 20.06 -3.23 0.65
C ILE A 38 21.49 -3.38 0.09
N LYS A 39 21.68 -2.97 -1.14
CA LYS A 39 22.99 -3.04 -1.74
C LYS A 39 24.03 -2.19 -0.97
N GLN A 40 23.68 -0.94 -0.70
CA GLN A 40 24.52 -0.03 0.09
C GLN A 40 24.77 -0.57 1.49
N LEU A 41 23.72 -1.14 2.08
CA LEU A 41 23.84 -1.71 3.42
C LEU A 41 24.78 -2.86 3.51
N ARG A 42 24.64 -3.79 2.60
CA ARG A 42 25.47 -4.98 2.70
C ARG A 42 26.96 -4.69 2.45
N GLU A 43 27.27 -3.68 1.64
CA GLU A 43 28.64 -3.21 1.45
C GLU A 43 29.19 -2.59 2.72
N ALA A 44 28.39 -1.69 3.31
CA ALA A 44 28.73 -1.03 4.58
C ALA A 44 28.94 -2.01 5.71
N SER A 45 28.04 -2.98 5.80
CA SER A 45 28.08 -4.00 6.82
C SER A 45 29.30 -4.85 6.67
N GLU A 46 29.66 -5.17 5.44
CA GLU A 46 30.85 -6.00 5.20
C GLU A 46 32.13 -5.23 5.47
N LYS A 47 32.19 -3.96 5.03
CA LYS A 47 33.30 -3.06 5.34
C LYS A 47 33.51 -2.65 6.82
N ALA A 48 32.48 -2.71 7.62
CA ALA A 48 32.55 -2.35 9.03
C ALA A 48 33.53 -3.26 9.77
N ARG A 49 34.37 -2.67 10.59
CA ARG A 49 35.24 -3.40 11.55
C ARG A 49 34.82 -3.18 13.03
N ASN A 50 34.33 -2.00 13.38
CA ASN A 50 33.94 -1.75 14.77
C ASN A 50 32.79 -2.69 15.06
N PRO A 51 32.85 -3.49 16.14
CA PRO A 51 31.79 -4.51 16.40
C PRO A 51 30.37 -3.93 16.64
N GLU A 52 30.30 -2.75 17.21
CA GLU A 52 29.05 -2.13 17.51
C GLU A 52 28.43 -1.74 16.21
N LYS A 53 29.17 -1.04 15.36
CA LYS A 53 28.65 -0.69 14.08
C LYS A 53 28.26 -1.92 13.27
N LYS A 54 29.11 -2.93 13.31
CA LYS A 54 28.93 -4.11 12.51
C LYS A 54 27.67 -4.81 12.93
N SER A 55 27.47 -5.06 14.23
CA SER A 55 26.26 -5.76 14.66
C SER A 55 24.97 -5.02 14.31
N VAL A 56 25.03 -3.68 14.32
CA VAL A 56 23.86 -2.83 14.07
C VAL A 56 23.47 -2.95 12.59
N LEU A 57 24.43 -2.73 11.71
CA LEU A 57 24.26 -2.80 10.30
C LEU A 57 23.74 -4.17 9.86
N GLN A 58 24.23 -5.19 10.52
CA GLN A 58 23.76 -6.58 10.28
C GLN A 58 22.31 -6.76 10.65
N LYS A 59 21.87 -6.18 11.76
CA LYS A 59 20.46 -6.27 12.18
C LYS A 59 19.57 -5.51 11.19
N ILE A 60 20.05 -4.38 10.70
CA ILE A 60 19.25 -3.54 9.80
C ILE A 60 19.17 -4.30 8.44
N LEU A 61 20.31 -4.84 8.00
CA LEU A 61 20.37 -5.59 6.74
C LEU A 61 19.37 -6.70 6.77
N GLU A 62 19.43 -7.51 7.79
CA GLU A 62 18.54 -8.67 7.94
C GLU A 62 17.11 -8.28 7.87
N ASP A 63 16.72 -7.20 8.58
CA ASP A 63 15.40 -6.73 8.54
C ASP A 63 15.03 -6.12 7.19
N GLU A 64 15.97 -5.45 6.51
CA GLU A 64 15.63 -4.89 5.23
C GLU A 64 15.31 -6.00 4.17
N GLU A 65 16.00 -7.11 4.29
CA GLU A 65 15.77 -8.29 3.39
C GLU A 65 14.36 -8.82 3.60
N LYS A 66 13.94 -8.90 4.85
CA LYS A 66 12.58 -9.27 5.15
C LYS A 66 11.53 -8.33 4.57
N HIS A 67 11.83 -7.04 4.45
CA HIS A 67 10.87 -6.09 3.81
C HIS A 67 10.63 -6.43 2.36
N ILE A 68 11.60 -7.03 1.70
CA ILE A 68 11.39 -7.37 0.31
C ILE A 68 10.22 -8.31 0.20
N GLU A 69 10.17 -9.33 1.02
CA GLU A 69 9.07 -10.28 0.98
C GLU A 69 7.78 -9.63 1.32
N LEU A 70 7.79 -8.71 2.30
CA LEU A 70 6.53 -7.98 2.69
C LEU A 70 6.02 -7.14 1.58
N LEU A 71 6.92 -6.45 0.87
CA LEU A 71 6.56 -5.72 -0.30
C LEU A 71 5.99 -6.56 -1.41
N GLU A 72 6.55 -7.78 -1.61
CA GLU A 72 6.01 -8.67 -2.67
C GLU A 72 4.62 -9.07 -2.33
N THR A 73 4.38 -9.40 -1.06
CA THR A 73 3.05 -9.79 -0.64
C THR A 73 2.09 -8.60 -0.84
N LEU A 74 2.56 -7.40 -0.52
CA LEU A 74 1.80 -6.15 -0.77
C LEU A 74 1.46 -5.94 -2.24
N GLN A 75 2.44 -6.10 -3.10
CA GLN A 75 2.21 -6.04 -4.56
C GLN A 75 1.13 -7.02 -5.03
N GLN A 76 1.16 -8.23 -4.51
CA GLN A 76 0.26 -9.30 -4.93
C GLN A 76 -1.14 -8.96 -4.49
N THR A 77 -1.28 -8.50 -3.27
CA THR A 77 -2.61 -8.11 -2.77
C THR A 77 -3.15 -6.86 -3.53
N GLY A 78 -2.25 -5.94 -3.90
CA GLY A 78 -2.53 -4.88 -4.82
C GLY A 78 -3.10 -5.41 -6.12
N GLN A 79 -2.40 -6.37 -6.71
CA GLN A 79 -2.85 -6.88 -8.00
C GLN A 79 -4.13 -7.66 -7.84
N GLU A 80 -4.31 -8.39 -6.73
CA GLU A 80 -5.61 -8.98 -6.43
C GLU A 80 -6.72 -7.93 -6.34
N ALA A 81 -6.45 -6.80 -5.72
CA ALA A 81 -7.47 -5.76 -5.59
C ALA A 81 -7.85 -5.25 -6.94
N GLN A 82 -6.89 -5.16 -7.86
CA GLN A 82 -7.22 -4.72 -9.21
C GLN A 82 -8.11 -5.73 -9.91
N GLN A 83 -7.84 -7.01 -9.74
CA GLN A 83 -8.72 -8.04 -10.31
C GLN A 83 -10.15 -7.95 -9.77
N LEU A 84 -10.32 -7.76 -8.46
CA LEU A 84 -11.67 -7.58 -7.84
C LEU A 84 -12.32 -6.35 -8.39
N LEU A 85 -11.54 -5.32 -8.60
CA LEU A 85 -12.09 -4.15 -9.20
C LEU A 85 -12.67 -4.35 -10.61
N GLN A 86 -12.03 -5.20 -11.38
CA GLN A 86 -12.48 -5.56 -12.69
C GLN A 86 -13.80 -6.21 -12.65
N GLU A 87 -13.98 -7.09 -11.67
CA GLU A 87 -15.24 -7.77 -11.54
C GLU A 87 -16.31 -6.85 -10.97
N LEU A 88 -15.93 -5.92 -10.10
CA LEU A 88 -16.88 -4.87 -9.68
C LEU A 88 -17.33 -4.08 -10.87
N GLN A 89 -16.42 -3.76 -11.79
CA GLN A 89 -16.75 -3.00 -13.01
C GLN A 89 -17.72 -3.72 -13.90
N GLN A 90 -17.41 -4.97 -14.14
CA GLN A 90 -18.24 -5.78 -15.00
C GLN A 90 -19.61 -6.07 -14.38
N THR A 91 -19.61 -6.53 -13.14
CA THR A 91 -20.88 -6.77 -12.45
C THR A 91 -21.70 -5.48 -12.28
N GLY A 92 -21.04 -4.37 -11.96
CA GLY A 92 -21.66 -3.08 -11.79
C GLY A 92 -22.41 -2.59 -13.02
N GLN A 93 -21.77 -2.72 -14.17
CA GLN A 93 -22.35 -2.28 -15.47
C GLN A 93 -23.57 -3.18 -15.82
N GLU A 94 -23.55 -4.44 -15.43
CA GLU A 94 -24.78 -5.25 -15.55
C GLU A 94 -25.90 -4.83 -14.59
N LEU A 95 -25.55 -4.41 -13.39
CA LEU A 95 -26.53 -3.90 -12.47
C LEU A 95 -27.11 -2.63 -12.99
N TRP A 96 -26.30 -1.87 -13.72
CA TRP A 96 -26.74 -0.66 -14.32
C TRP A 96 -27.90 -0.89 -15.24
N GLN A 97 -27.75 -1.89 -16.10
CA GLN A 97 -28.74 -2.31 -17.02
C GLN A 97 -29.90 -3.05 -16.32
N LEU A 98 -29.60 -4.04 -15.51
CA LEU A 98 -30.64 -4.91 -14.91
C LEU A 98 -31.47 -4.24 -13.81
N GLY A 99 -30.91 -3.25 -13.12
CA GLY A 99 -31.50 -2.74 -11.89
C GLY A 99 -31.53 -3.80 -10.77
N GLY A 100 -32.66 -3.79 -10.06
CA GLY A 100 -32.97 -4.81 -9.01
C GLY A 100 -33.65 -6.10 -9.49
N SER A 101 -33.73 -6.26 -10.81
CA SER A 101 -34.53 -7.30 -11.40
C SER A 101 -33.81 -8.62 -11.37
N GLY A 102 -34.58 -9.69 -11.45
CA GLY A 102 -34.04 -11.04 -11.30
C GLY A 102 -33.69 -11.35 -9.87
N GLY A 103 -33.13 -12.52 -9.62
CA GLY A 103 -32.71 -12.87 -8.28
C GLY A 103 -31.62 -11.94 -7.72
N PRO A 104 -31.31 -12.08 -6.43
CA PRO A 104 -30.39 -11.16 -5.81
C PRO A 104 -28.93 -11.51 -5.96
N GLU A 105 -28.60 -12.60 -6.62
CA GLU A 105 -27.24 -13.11 -6.58
C GLU A 105 -26.21 -12.14 -7.23
N LEU A 106 -26.60 -11.38 -8.23
CA LEU A 106 -25.68 -10.46 -8.87
C LEU A 106 -25.38 -9.31 -7.93
N ARG A 107 -26.41 -8.74 -7.34
CA ARG A 107 -26.27 -7.72 -6.30
C ARG A 107 -25.40 -8.19 -5.12
N GLN A 108 -25.64 -9.41 -4.68
CA GLN A 108 -24.82 -10.06 -3.68
C GLN A 108 -23.37 -10.20 -4.06
N LYS A 109 -23.14 -10.61 -5.29
CA LYS A 109 -21.82 -10.78 -5.75
C LYS A 109 -21.05 -9.44 -5.73
N HIS A 110 -21.65 -8.40 -6.30
CA HIS A 110 -21.06 -7.03 -6.28
C HIS A 110 -20.70 -6.64 -4.84
N GLN A 111 -21.60 -6.94 -3.94
CA GLN A 111 -21.48 -6.52 -2.58
C GLN A 111 -20.38 -7.26 -1.85
N GLN A 112 -20.21 -8.53 -2.16
CA GLN A 112 -19.16 -9.34 -1.64
C GLN A 112 -17.78 -8.97 -2.20
N LEU A 113 -17.70 -8.67 -3.48
CA LEU A 113 -16.42 -8.18 -4.02
C LEU A 113 -15.97 -6.90 -3.31
N ALA A 114 -16.91 -6.04 -3.04
CA ALA A 114 -16.61 -4.81 -2.32
C ALA A 114 -16.10 -5.11 -0.90
N GLN A 115 -16.74 -6.08 -0.23
CA GLN A 115 -16.23 -6.62 1.02
C GLN A 115 -14.84 -7.18 0.97
N LYS A 116 -14.53 -8.02 -0.03
CA LYS A 116 -13.18 -8.54 -0.14
C LYS A 116 -12.18 -7.48 -0.45
N ILE A 117 -12.55 -6.48 -1.23
CA ILE A 117 -11.58 -5.45 -1.56
C ILE A 117 -11.25 -4.67 -0.29
N GLN A 118 -12.27 -4.40 0.52
CA GLN A 118 -12.11 -3.71 1.80
C GLN A 118 -11.16 -4.46 2.71
N GLN A 119 -11.33 -5.77 2.79
CA GLN A 119 -10.39 -6.62 3.53
C GLN A 119 -8.98 -6.60 2.99
N LEU A 120 -8.83 -6.62 1.67
CA LEU A 120 -7.45 -6.54 1.13
C LEU A 120 -6.80 -5.19 1.45
N LEU A 121 -7.60 -4.13 1.36
CA LEU A 121 -7.10 -2.83 1.76
C LEU A 121 -6.62 -2.78 3.20
N GLN A 122 -7.35 -3.37 4.13
CA GLN A 122 -6.89 -3.42 5.50
C GLN A 122 -5.60 -4.20 5.68
N LYS A 123 -5.50 -5.33 5.01
CA LYS A 123 -4.31 -6.20 5.09
C LYS A 123 -3.14 -5.40 4.58
N HIS A 124 -3.43 -4.69 3.54
CA HIS A 124 -2.46 -3.83 2.97
C HIS A 124 -1.90 -2.78 3.85
N GLN A 125 -2.81 -2.13 4.58
CA GLN A 125 -2.44 -1.11 5.54
C GLN A 125 -1.64 -1.70 6.69
N GLN A 126 -2.06 -2.87 7.17
CA GLN A 126 -1.35 -3.51 8.24
C GLN A 126 0.07 -3.93 7.87
N LEU A 127 0.26 -4.49 6.68
CA LEU A 127 1.60 -4.85 6.23
C LEU A 127 2.45 -3.58 6.12
N GLY A 128 1.90 -2.58 5.49
CA GLY A 128 2.61 -1.33 5.31
C GLY A 128 3.08 -0.74 6.66
N ALA A 129 2.18 -0.76 7.64
CA ALA A 129 2.47 -0.24 8.95
C ALA A 129 3.62 -0.98 9.63
N LYS A 130 3.71 -2.27 9.38
CA LYS A 130 4.75 -3.13 9.92
C LYS A 130 6.11 -2.76 9.29
N ILE A 131 6.11 -2.54 7.98
CA ILE A 131 7.35 -2.12 7.29
C ILE A 131 7.80 -0.72 7.81
N LEU A 132 6.90 0.23 7.81
CA LEU A 132 7.23 1.57 8.24
C LEU A 132 7.77 1.60 9.62
N GLU A 133 7.10 0.95 10.56
CA GLU A 133 7.59 0.88 11.93
C GLU A 133 9.05 0.36 12.06
N ASP A 134 9.36 -0.75 11.39
CA ASP A 134 10.69 -1.29 11.45
C ASP A 134 11.71 -0.39 10.70
N GLU A 135 11.25 0.31 9.69
CA GLU A 135 12.12 1.22 8.98
C GLU A 135 12.52 2.41 9.90
N GLU A 136 11.58 2.86 10.73
CA GLU A 136 11.85 3.91 11.71
C GLU A 136 12.72 3.39 12.80
N LYS A 137 12.56 2.16 13.24
CA LYS A 137 13.54 1.61 14.17
C LYS A 137 14.97 1.61 13.66
N HIS A 138 15.14 1.34 12.37
CA HIS A 138 16.46 1.40 11.75
C HIS A 138 17.08 2.81 11.68
N ILE A 139 16.28 3.81 11.44
CA ILE A 139 16.75 5.21 11.63
C ILE A 139 17.34 5.36 13.05
N GLU A 140 16.62 4.92 14.05
CA GLU A 140 17.04 5.01 15.44
C GLU A 140 18.36 4.28 15.68
N LEU A 141 18.48 3.07 15.16
CA LEU A 141 19.72 2.32 15.26
C LEU A 141 20.88 2.98 14.61
N LEU A 142 20.69 3.50 13.40
CA LEU A 142 21.76 4.26 12.77
C LEU A 142 22.22 5.47 13.59
N GLU A 143 21.27 6.16 14.21
CA GLU A 143 21.62 7.33 15.03
C GLU A 143 22.52 6.98 16.19
N THR A 144 22.29 5.83 16.82
CA THR A 144 23.15 5.34 17.89
C THR A 144 24.62 5.13 17.51
N ILE A 145 24.94 5.03 16.22
CA ILE A 145 26.30 4.79 15.74
C ILE A 145 26.81 5.93 14.90
N LEU A 146 26.11 7.05 14.86
CA LEU A 146 26.56 8.25 14.15
C LEU A 146 27.04 9.34 15.14
N GLY A 147 27.25 8.97 16.40
CA GLY A 147 27.83 9.92 17.34
C GLY A 147 29.20 10.36 16.89
N GLY A 148 29.54 11.61 17.20
CA GLY A 148 30.90 12.13 16.99
C GLY A 148 31.25 12.28 15.52
N SER A 149 32.54 12.18 15.19
CA SER A 149 33.01 12.40 13.82
C SER A 149 32.98 11.09 13.00
N GLY A 150 33.05 11.26 11.69
CA GLY A 150 33.02 10.12 10.77
C GLY A 150 31.58 9.73 10.50
N GLY A 151 31.40 8.48 10.08
CA GLY A 151 30.11 8.00 9.61
C GLY A 151 29.61 8.70 8.34
N ASP A 152 30.50 9.01 7.40
CA ASP A 152 30.04 9.62 6.15
C ASP A 152 29.24 8.68 5.29
N GLU A 153 29.62 7.40 5.28
CA GLU A 153 28.80 6.36 4.62
C GLU A 153 27.56 6.05 5.45
N LEU A 154 27.68 6.04 6.77
CA LEU A 154 26.52 5.88 7.62
C LEU A 154 25.48 6.97 7.36
N ARG A 155 25.92 8.19 7.10
CA ARG A 155 25.01 9.28 6.75
C ARG A 155 24.34 9.13 5.40
N GLU A 156 25.02 8.52 4.44
CA GLU A 156 24.39 8.20 3.19
C GLU A 156 23.27 7.18 3.39
N LEU A 157 23.51 6.16 4.20
CA LEU A 157 22.51 5.21 4.55
C LEU A 157 21.27 5.84 5.26
N LEU A 158 21.54 6.75 6.19
CA LEU A 158 20.48 7.48 6.92
C LEU A 158 19.62 8.25 5.96
N LYS A 159 20.26 8.97 5.07
CA LYS A 159 19.60 9.71 4.04
C LYS A 159 18.72 8.87 3.08
N GLY A 160 19.23 7.75 2.58
CA GLY A 160 18.41 6.87 1.74
C GLY A 160 17.27 6.27 2.53
N GLU A 161 17.51 5.96 3.79
CA GLU A 161 16.47 5.39 4.63
C GLU A 161 15.36 6.40 4.92
N LEU A 162 15.73 7.67 5.14
CA LEU A 162 14.74 8.72 5.40
C LEU A 162 13.90 8.96 4.15
N GLN A 163 14.53 8.91 2.98
CA GLN A 163 13.83 9.03 1.73
C GLN A 163 12.82 7.87 1.53
N GLY A 164 13.21 6.65 1.86
CA GLY A 164 12.29 5.48 1.86
C GLY A 164 11.05 5.74 2.72
N ILE A 165 11.26 6.27 3.91
CA ILE A 165 10.17 6.62 4.82
C ILE A 165 9.22 7.60 4.21
N LYS A 166 9.74 8.62 3.57
CA LYS A 166 8.90 9.58 2.93
C LYS A 166 7.97 8.90 1.93
N GLN A 167 8.55 7.97 1.16
CA GLN A 167 7.80 7.29 0.12
C GLN A 167 6.76 6.37 0.71
N TYR A 168 7.14 5.56 1.70
CA TYR A 168 6.19 4.75 2.50
C TYR A 168 5.00 5.57 3.01
N ARG A 169 5.28 6.77 3.54
CA ARG A 169 4.24 7.61 4.07
C ARG A 169 3.28 8.07 2.99
N GLU A 170 3.80 8.65 1.90
CA GLU A 170 3.03 8.96 0.69
C GLU A 170 2.06 7.88 0.28
N LEU A 171 2.48 6.63 0.47
CA LEU A 171 1.74 5.46 0.11
C LEU A 171 0.69 5.05 1.13
N GLN A 172 1.03 5.06 2.42
CA GLN A 172 -0.01 4.89 3.43
C GLN A 172 -1.10 5.99 3.21
N GLN A 173 -0.68 7.18 2.79
CA GLN A 173 -1.62 8.28 2.61
C GLN A 173 -2.58 8.04 1.43
N LEU A 174 -2.06 7.44 0.36
CA LEU A 174 -2.91 7.07 -0.80
C LEU A 174 -3.81 5.94 -0.48
N GLY A 175 -3.34 4.99 0.28
CA GLY A 175 -4.21 3.94 0.71
C GLY A 175 -5.35 4.31 1.64
N GLN A 176 -5.11 5.35 2.46
CA GLN A 176 -6.15 5.90 3.33
CA GLN A 176 -6.12 5.93 3.34
C GLN A 176 -7.26 6.49 2.47
N LYS A 177 -6.89 7.28 1.48
CA LYS A 177 -7.82 7.82 0.51
C LYS A 177 -8.57 6.73 -0.26
N ALA A 178 -7.87 5.67 -0.65
CA ALA A 178 -8.49 4.50 -1.27
C ALA A 178 -9.52 3.87 -0.33
N GLN A 179 -9.18 3.69 0.96
CA GLN A 179 -10.15 3.03 1.88
C GLN A 179 -11.36 3.96 2.07
N GLN A 180 -11.10 5.26 2.02
CA GLN A 180 -12.17 6.25 2.17
C GLN A 180 -13.12 6.19 0.99
N LEU A 181 -12.58 6.04 -0.21
CA LEU A 181 -13.39 5.86 -1.42
C LEU A 181 -14.25 4.63 -1.38
N VAL A 182 -13.68 3.54 -0.95
CA VAL A 182 -14.41 2.32 -0.80
C VAL A 182 -15.53 2.50 0.20
N GLN A 183 -15.29 3.15 1.33
CA GLN A 183 -16.41 3.49 2.27
C GLN A 183 -17.55 4.20 1.56
N LYS A 184 -17.20 5.24 0.82
CA LYS A 184 -18.14 6.02 0.10
C LYS A 184 -18.88 5.24 -0.94
N LEU A 185 -18.19 4.27 -1.57
CA LEU A 185 -18.81 3.40 -2.56
C LEU A 185 -19.86 2.52 -1.91
N GLN A 186 -19.55 1.99 -0.74
CA GLN A 186 -20.51 1.21 0.03
C GLN A 186 -21.69 2.08 0.48
N GLN A 187 -21.43 3.28 0.96
CA GLN A 187 -22.51 4.18 1.37
C GLN A 187 -23.41 4.56 0.19
N THR A 188 -22.86 5.16 -0.87
CA THR A 188 -23.68 5.45 -2.04
C THR A 188 -24.35 4.22 -2.62
N GLY A 189 -23.65 3.09 -2.63
CA GLY A 189 -24.22 1.83 -3.12
C GLY A 189 -25.49 1.40 -2.40
N GLN A 190 -25.41 1.24 -1.09
CA GLN A 190 -26.54 0.87 -0.25
C GLN A 190 -27.74 1.79 -0.48
N LYS A 191 -27.49 3.08 -0.51
CA LYS A 191 -28.50 4.08 -0.81
C LYS A 191 -29.17 3.80 -2.17
N LEU A 192 -28.39 3.44 -3.19
CA LEU A 192 -29.01 3.01 -4.50
C LEU A 192 -30.06 1.91 -4.33
N TRP A 193 -29.73 0.89 -3.53
CA TRP A 193 -30.69 -0.18 -3.24
C TRP A 193 -31.83 0.25 -2.32
N GLN A 194 -31.56 1.06 -1.31
CA GLN A 194 -32.61 1.55 -0.43
C GLN A 194 -33.63 2.37 -1.21
N LEU A 195 -33.17 3.29 -2.02
CA LEU A 195 -34.05 4.13 -2.85
C LEU A 195 -34.81 3.32 -3.92
N GLY A 196 -34.25 2.20 -4.35
CA GLY A 196 -34.96 1.29 -5.24
C GLY A 196 -36.29 0.81 -4.67
#